data_3FYK
#
_entry.id   3FYK
#
_cell.length_a   254.598
_cell.length_b   254.598
_cell.length_c   254.598
_cell.angle_alpha   90.000
_cell.angle_beta   90.000
_cell.angle_gamma   90.000
#
_symmetry.space_group_name_H-M   'F 41 3 2'
#
loop_
_entity.id
_entity.type
_entity.pdbx_description
1 polymer 'MAP kinase-activated protein kinase 2'
2 non-polymer (3R)-3-(aminomethyl)-9-methoxy-1,2,3,4-tetrahydro-5H-[1]benzothieno[3,2-e][1,4]diazepin-5-one
#
_entity_poly.entity_id   1
_entity_poly.type   'polypeptide(L)'
_entity_poly.pdbx_seq_one_letter_code
;QFHVKSGLQIKKNAIIDDYKVTSQVLGLGINGKVLQIFNKRTQEKFALKMLQDCPKARREVELHWRASQCPHIVRIVDVY
ENLYAGRKCLLIVMECLDGGELFSRIQDRGDQAFTEREASEIMKSIGEAIQYLHSINIAHRDVKPENLLYTSKRPNAILK
LTDFGFAKETTSHNSLTTPCYTPYYVAPEVLGPEKYDKSCDMWSLGVIMYILLCGYPPFYSNHGLAISPGMKTRIRMGQY
EFPNPEWSEVSEEVKMLIRNLLKTEPTQRMTITEFMNHPWIMQSTKVPQTPLHTSRVLKEDKERWEDVKEEMTSALATMR
VDYEQIK
;
_entity_poly.pdbx_strand_id   X
#
loop_
_chem_comp.id
_chem_comp.type
_chem_comp.name
_chem_comp.formula
B98 non-polymer (3R)-3-(aminomethyl)-9-methoxy-1,2,3,4-tetrahydro-5H-[1]benzothieno[3,2-e][1,4]diazepin-5-one 'C13 H15 N3 O2 S'
#
# COMPACT_ATOMS: atom_id res chain seq x y z
N GLN A 1 22.33 8.40 -22.03
CA GLN A 1 23.58 8.58 -21.22
C GLN A 1 23.36 9.47 -19.99
N PHE A 2 22.34 10.33 -20.02
CA PHE A 2 22.08 11.25 -18.92
C PHE A 2 20.57 11.48 -18.77
N HIS A 3 20.02 11.12 -17.62
CA HIS A 3 18.58 10.97 -17.52
C HIS A 3 18.00 11.61 -16.27
N VAL A 4 17.05 12.51 -16.51
CA VAL A 4 16.34 13.15 -15.42
C VAL A 4 14.85 13.15 -15.65
N LYS A 5 14.13 13.38 -14.58
CA LYS A 5 12.70 13.52 -14.67
C LYS A 5 12.37 14.91 -14.18
N SER A 6 11.39 15.51 -14.82
CA SER A 6 10.95 16.84 -14.45
C SER A 6 10.70 16.93 -12.97
N GLY A 7 11.01 18.08 -12.39
CA GLY A 7 10.73 18.31 -10.99
C GLY A 7 9.24 18.49 -10.74
N LEU A 8 8.89 18.61 -9.46
CA LEU A 8 7.52 18.83 -9.05
C LEU A 8 7.06 20.26 -9.33
N GLN A 9 5.83 20.41 -9.79
CA GLN A 9 5.36 21.69 -10.31
C GLN A 9 3.98 22.04 -9.78
N ILE A 10 3.90 23.11 -9.00
CA ILE A 10 2.63 23.43 -8.39
C ILE A 10 1.83 24.34 -9.27
N LYS A 11 0.97 23.75 -10.10
CA LYS A 11 0.12 24.53 -10.97
C LYS A 11 -0.77 25.45 -10.15
N LYS A 12 -0.90 26.70 -10.59
CA LYS A 12 -1.72 27.69 -9.90
C LYS A 12 -3.10 27.94 -10.48
N ASN A 13 -3.27 27.74 -11.78
CA ASN A 13 -4.57 27.93 -12.40
C ASN A 13 -5.61 26.97 -11.85
N ALA A 14 -6.88 27.37 -11.89
CA ALA A 14 -7.96 26.54 -11.36
C ALA A 14 -7.93 25.18 -11.98
N ILE A 15 -7.88 24.17 -11.14
CA ILE A 15 -7.90 22.79 -11.60
C ILE A 15 -9.09 22.59 -12.49
N ILE A 16 -10.10 23.44 -12.33
CA ILE A 16 -11.33 23.28 -13.10
C ILE A 16 -11.12 23.59 -14.59
N ASP A 17 -10.01 24.25 -14.93
CA ASP A 17 -9.69 24.55 -16.32
C ASP A 17 -9.27 23.32 -17.07
N ASP A 18 -8.54 22.45 -16.37
CA ASP A 18 -7.87 21.28 -16.95
C ASP A 18 -8.66 20.02 -16.74
N TYR A 19 -9.41 19.99 -15.65
CA TYR A 19 -10.21 18.82 -15.38
C TYR A 19 -11.62 19.23 -15.12
N LYS A 20 -12.51 18.27 -15.32
CA LYS A 20 -13.89 18.42 -14.96
C LYS A 20 -14.03 17.57 -13.71
N VAL A 21 -14.44 18.22 -12.62
CA VAL A 21 -14.49 17.55 -11.34
C VAL A 21 -15.86 16.97 -11.10
N THR A 22 -15.92 15.69 -10.78
CA THR A 22 -17.20 15.08 -10.42
C THR A 22 -17.44 15.32 -8.94
N SER A 23 -18.26 14.48 -8.35
CA SER A 23 -18.44 14.50 -6.90
C SER A 23 -18.47 13.05 -6.45
N GLN A 24 -18.50 12.15 -7.42
CA GLN A 24 -18.44 10.73 -7.13
C GLN A 24 -17.19 10.49 -6.30
N VAL A 25 -17.40 10.10 -5.04
CA VAL A 25 -16.28 9.76 -4.16
C VAL A 25 -15.76 8.39 -4.49
N LEU A 26 -14.51 8.15 -4.17
CA LEU A 26 -13.92 6.83 -4.33
C LEU A 26 -13.23 6.53 -3.01
N GLY A 27 -12.01 7.03 -2.85
CA GLY A 27 -11.28 6.83 -1.61
C GLY A 27 -11.75 7.76 -0.52
N LEU A 28 -11.47 7.36 0.72
CA LEU A 28 -11.78 8.17 1.88
C LEU A 28 -10.58 8.10 2.83
N GLY A 29 -9.41 8.48 2.34
CA GLY A 29 -8.18 8.57 3.17
C GLY A 29 -8.08 9.79 4.10
N ILE A 30 -6.93 9.90 4.77
CA ILE A 30 -6.62 10.96 5.79
C ILE A 30 -7.38 12.30 5.73
N ASN A 31 -6.90 13.27 4.93
CA ASN A 31 -7.65 14.49 4.66
C ASN A 31 -8.55 14.37 3.45
N GLY A 32 -9.83 14.69 3.63
CA GLY A 32 -10.81 14.69 2.55
C GLY A 32 -11.03 13.35 1.85
N LYS A 33 -11.87 13.39 0.83
CA LYS A 33 -12.23 12.21 0.06
C LYS A 33 -11.28 12.07 -1.13
N VAL A 34 -11.53 11.07 -1.96
CA VAL A 34 -10.82 11.00 -3.21
C VAL A 34 -11.87 10.96 -4.30
N LEU A 35 -12.04 12.08 -5.00
CA LEU A 35 -13.09 12.19 -6.01
C LEU A 35 -12.60 11.66 -7.33
N GLN A 36 -13.53 11.14 -8.14
CA GLN A 36 -13.18 10.79 -9.51
C GLN A 36 -13.11 12.09 -10.29
N ILE A 37 -12.27 12.12 -11.31
CA ILE A 37 -12.06 13.33 -12.04
C ILE A 37 -11.63 13.01 -13.44
N PHE A 38 -12.03 13.84 -14.41
CA PHE A 38 -11.70 13.60 -15.81
C PHE A 38 -10.89 14.70 -16.48
N ASN A 39 -9.91 14.25 -17.26
CA ASN A 39 -9.00 15.13 -17.95
C ASN A 39 -9.69 15.69 -19.19
N LYS A 40 -9.98 16.98 -19.19
CA LYS A 40 -10.64 17.56 -20.36
C LYS A 40 -9.99 17.18 -21.68
N ARG A 41 -8.70 17.46 -21.82
CA ARG A 41 -7.93 17.10 -23.02
C ARG A 41 -8.13 15.62 -23.36
N THR A 42 -7.47 14.74 -22.60
CA THR A 42 -7.40 13.33 -22.96
C THR A 42 -8.71 12.65 -22.70
N GLN A 43 -9.36 13.07 -21.63
CA GLN A 43 -10.64 12.51 -21.23
C GLN A 43 -10.56 11.21 -20.46
N GLU A 44 -9.44 10.92 -19.79
CA GLU A 44 -9.39 9.74 -18.92
C GLU A 44 -9.69 10.05 -17.43
N LYS A 45 -10.02 9.02 -16.64
CA LYS A 45 -10.39 9.20 -15.24
C LYS A 45 -9.21 9.28 -14.28
N PHE A 46 -9.36 10.11 -13.25
CA PHE A 46 -8.28 10.37 -12.33
C PHE A 46 -8.73 10.45 -10.89
N ALA A 47 -7.78 10.34 -9.99
CA ALA A 47 -8.06 10.44 -8.57
C ALA A 47 -7.71 11.84 -8.10
N LEU A 48 -8.57 12.41 -7.26
CA LEU A 48 -8.27 13.72 -6.71
C LEU A 48 -8.29 13.77 -5.18
N LYS A 49 -7.11 13.83 -4.58
CA LYS A 49 -7.01 14.10 -3.16
C LYS A 49 -6.99 15.62 -2.99
N MET A 50 -7.38 16.09 -1.82
CA MET A 50 -7.42 17.51 -1.56
C MET A 50 -6.81 17.83 -0.20
N LEU A 51 -5.97 18.83 -0.14
CA LEU A 51 -5.24 19.03 1.10
C LEU A 51 -5.33 20.47 1.62
N GLN A 52 -5.18 20.63 2.92
CA GLN A 52 -5.18 21.97 3.52
C GLN A 52 -4.12 22.90 2.91
N ASP A 53 -2.99 22.35 2.48
CA ASP A 53 -1.86 23.16 2.01
C ASP A 53 -1.22 23.99 3.11
N CYS A 54 -0.39 23.31 3.87
CA CYS A 54 0.47 23.89 4.88
C CYS A 54 1.81 23.18 4.67
N PRO A 55 2.90 23.72 5.23
CA PRO A 55 4.21 23.12 5.10
C PRO A 55 4.21 21.59 5.11
N LYS A 56 3.42 21.00 5.99
CA LYS A 56 3.44 19.56 6.13
C LYS A 56 3.07 18.86 4.84
N ALA A 57 1.80 18.90 4.45
CA ALA A 57 1.37 18.29 3.21
C ALA A 57 2.40 18.57 2.12
N ARG A 58 2.65 19.86 1.93
CA ARG A 58 3.50 20.34 0.85
C ARG A 58 4.80 19.55 0.73
N ARG A 59 5.13 18.80 1.76
CA ARG A 59 6.36 18.03 1.74
C ARG A 59 5.96 16.58 1.58
N GLU A 60 4.88 16.22 2.26
CA GLU A 60 4.37 14.86 2.16
C GLU A 60 4.25 14.53 0.69
N VAL A 61 3.60 15.41 -0.07
CA VAL A 61 3.43 15.22 -1.50
C VAL A 61 4.79 15.28 -2.18
N GLU A 62 5.59 16.26 -1.77
CA GLU A 62 6.91 16.42 -2.29
C GLU A 62 7.59 15.06 -2.38
N LEU A 63 7.20 14.14 -1.50
CA LEU A 63 7.81 12.81 -1.47
C LEU A 63 7.11 11.88 -2.44
N HIS A 64 5.79 11.82 -2.32
CA HIS A 64 4.96 11.09 -3.26
C HIS A 64 5.45 11.35 -4.67
N TRP A 65 5.72 12.62 -4.97
CA TRP A 65 6.23 12.97 -6.27
C TRP A 65 7.44 12.13 -6.61
N ARG A 66 8.44 12.22 -5.75
CA ARG A 66 9.63 11.44 -5.93
C ARG A 66 9.32 9.96 -6.01
N ALA A 67 8.27 9.53 -5.31
CA ALA A 67 7.92 8.11 -5.25
C ALA A 67 7.23 7.54 -6.50
N SER A 68 6.42 8.38 -7.16
CA SER A 68 5.56 7.93 -8.24
C SER A 68 6.33 7.32 -9.39
N GLN A 69 7.56 7.79 -9.56
CA GLN A 69 8.46 7.26 -10.57
C GLN A 69 8.63 5.74 -10.50
N CYS A 70 8.02 5.12 -9.49
CA CYS A 70 8.08 3.68 -9.33
C CYS A 70 6.81 3.05 -9.87
N PRO A 71 6.95 1.85 -10.46
CA PRO A 71 5.83 1.01 -10.83
C PRO A 71 4.85 0.82 -9.67
N HIS A 72 5.20 -0.01 -8.71
CA HIS A 72 4.23 -0.33 -7.68
C HIS A 72 3.84 0.81 -6.75
N ILE A 73 4.34 1.99 -7.00
CA ILE A 73 3.84 3.13 -6.26
C ILE A 73 2.92 3.99 -7.11
N VAL A 74 1.76 4.36 -6.56
CA VAL A 74 0.78 5.17 -7.29
C VAL A 74 1.35 6.50 -7.77
N ARG A 75 1.16 6.82 -9.04
CA ARG A 75 1.78 7.97 -9.71
C ARG A 75 1.00 9.24 -9.54
N ILE A 76 1.67 10.31 -9.12
CA ILE A 76 1.05 11.64 -9.12
C ILE A 76 1.17 12.24 -10.50
N VAL A 77 0.17 13.00 -10.91
CA VAL A 77 0.09 13.37 -12.30
C VAL A 77 -0.04 14.88 -12.49
N ASP A 78 -0.48 15.56 -11.45
CA ASP A 78 -0.69 16.97 -11.46
C ASP A 78 -0.90 17.41 -10.03
N VAL A 79 -0.32 18.54 -9.67
CA VAL A 79 -0.56 19.08 -8.35
C VAL A 79 -0.89 20.55 -8.45
N TYR A 80 -2.05 20.92 -7.93
CA TYR A 80 -2.51 22.28 -8.02
C TYR A 80 -2.62 22.91 -6.67
N GLU A 81 -2.31 24.20 -6.59
CA GLU A 81 -2.71 24.97 -5.44
C GLU A 81 -3.79 25.97 -5.76
N ASN A 82 -5.05 25.64 -5.48
CA ASN A 82 -6.12 26.59 -5.64
C ASN A 82 -6.70 27.01 -4.31
N LEU A 83 -7.72 27.86 -4.39
CA LEU A 83 -8.39 28.41 -3.24
C LEU A 83 -9.78 27.84 -3.16
N TYR A 84 -10.00 26.88 -2.28
CA TYR A 84 -11.36 26.40 -2.11
C TYR A 84 -12.10 27.27 -1.10
N ALA A 85 -12.68 26.64 -0.08
CA ALA A 85 -13.45 27.33 0.95
C ALA A 85 -13.08 28.82 1.01
N GLY A 86 -11.90 29.09 1.53
CA GLY A 86 -11.30 30.41 1.50
C GLY A 86 -9.89 30.04 1.85
N ARG A 87 -9.54 28.83 1.43
CA ARG A 87 -8.39 28.12 1.99
C ARG A 87 -7.36 27.69 0.96
N LYS A 88 -6.17 28.29 1.03
CA LYS A 88 -5.09 27.88 0.15
C LYS A 88 -5.04 26.37 0.16
N CYS A 89 -5.54 25.76 -0.90
CA CYS A 89 -5.63 24.32 -0.92
C CYS A 89 -4.67 23.60 -1.78
N LEU A 90 -4.86 22.31 -1.87
CA LEU A 90 -3.82 21.57 -2.51
C LEU A 90 -4.38 20.32 -3.10
N LEU A 91 -4.50 20.35 -4.41
CA LEU A 91 -5.17 19.30 -5.09
C LEU A 91 -4.12 18.54 -5.82
N ILE A 92 -4.06 17.28 -5.51
CA ILE A 92 -3.08 16.43 -6.08
C ILE A 92 -3.91 15.49 -6.94
N VAL A 93 -3.46 15.27 -8.16
CA VAL A 93 -4.23 14.46 -9.09
C VAL A 93 -3.39 13.28 -9.43
N MET A 94 -3.95 12.09 -9.31
CA MET A 94 -3.17 10.89 -9.54
C MET A 94 -3.97 9.85 -10.26
N GLU A 95 -3.25 8.88 -10.81
CA GLU A 95 -3.84 7.79 -11.55
C GLU A 95 -4.93 7.13 -10.72
N CYS A 96 -6.13 7.14 -11.27
CA CYS A 96 -7.20 6.50 -10.58
C CYS A 96 -6.89 5.01 -10.58
N LEU A 97 -7.33 4.30 -9.55
CA LEU A 97 -7.11 2.87 -9.49
C LEU A 97 -8.41 2.11 -9.28
N ASP A 98 -8.80 1.37 -10.30
CA ASP A 98 -10.06 0.64 -10.31
C ASP A 98 -9.88 -0.82 -9.92
N GLY A 99 -9.18 -1.07 -8.83
CA GLY A 99 -8.82 -2.43 -8.49
C GLY A 99 -9.29 -2.95 -7.14
N GLY A 100 -9.59 -2.05 -6.21
CA GLY A 100 -10.02 -2.48 -4.89
C GLY A 100 -8.87 -2.87 -3.97
N GLU A 101 -9.04 -2.60 -2.69
CA GLU A 101 -8.00 -2.89 -1.71
C GLU A 101 -7.49 -4.32 -1.80
N LEU A 102 -6.21 -4.46 -2.14
CA LEU A 102 -5.56 -5.77 -2.28
C LEU A 102 -6.41 -6.95 -1.86
N PHE A 103 -6.78 -6.98 -0.59
CA PHE A 103 -7.49 -8.12 0.00
C PHE A 103 -8.92 -8.25 -0.50
N SER A 104 -9.58 -7.11 -0.64
CA SER A 104 -10.96 -7.04 -1.12
C SER A 104 -11.15 -7.66 -2.51
N ARG A 105 -10.04 -7.98 -3.17
CA ARG A 105 -10.09 -8.57 -4.50
C ARG A 105 -9.88 -10.09 -4.41
N ILE A 106 -9.38 -10.56 -3.28
CA ILE A 106 -9.11 -11.97 -3.11
C ILE A 106 -10.37 -12.74 -2.73
N GLN A 107 -11.25 -12.11 -1.98
CA GLN A 107 -12.48 -12.75 -1.53
C GLN A 107 -13.64 -12.64 -2.53
N ASP A 108 -13.30 -12.35 -3.78
CA ASP A 108 -14.26 -12.42 -4.87
C ASP A 108 -13.60 -13.13 -6.02
N ARG A 109 -12.56 -13.89 -5.69
CA ARG A 109 -11.91 -14.77 -6.66
C ARG A 109 -12.92 -15.86 -7.07
N GLY A 110 -13.71 -16.31 -6.09
CA GLY A 110 -14.82 -17.25 -6.30
C GLY A 110 -14.44 -18.60 -6.88
N ASP A 111 -13.85 -18.57 -8.08
CA ASP A 111 -13.33 -19.72 -8.78
C ASP A 111 -12.03 -20.21 -8.10
N GLN A 112 -12.05 -21.49 -7.71
CA GLN A 112 -10.91 -22.16 -7.05
C GLN A 112 -10.55 -21.55 -5.67
N ALA A 113 -9.26 -21.44 -5.39
CA ALA A 113 -8.76 -20.82 -4.14
C ALA A 113 -7.45 -20.05 -4.40
N PHE A 114 -6.74 -19.69 -3.34
CA PHE A 114 -5.48 -18.94 -3.49
C PHE A 114 -4.22 -19.81 -3.42
N THR A 115 -3.08 -19.26 -3.82
CA THR A 115 -1.84 -20.02 -3.96
C THR A 115 -0.65 -19.46 -3.19
N GLU A 116 0.10 -20.33 -2.54
CA GLU A 116 1.33 -19.92 -1.89
C GLU A 116 2.14 -19.12 -2.91
N ARG A 117 2.07 -19.52 -4.17
CA ARG A 117 2.81 -18.84 -5.22
C ARG A 117 2.20 -17.49 -5.55
N GLU A 118 0.88 -17.40 -5.48
CA GLU A 118 0.18 -16.14 -5.70
C GLU A 118 0.43 -15.18 -4.55
N ALA A 119 0.59 -15.73 -3.35
CA ALA A 119 0.86 -14.91 -2.18
C ALA A 119 2.22 -14.25 -2.34
N SER A 120 3.23 -15.05 -2.66
CA SER A 120 4.56 -14.54 -2.96
C SER A 120 4.45 -13.32 -3.87
N GLU A 121 4.01 -13.57 -5.10
CA GLU A 121 3.88 -12.53 -6.11
C GLU A 121 3.31 -11.26 -5.50
N ILE A 122 2.24 -11.38 -4.73
CA ILE A 122 1.70 -10.21 -4.09
C ILE A 122 2.71 -9.59 -3.14
N MET A 123 3.04 -10.29 -2.06
CA MET A 123 4.09 -9.83 -1.16
C MET A 123 5.27 -9.30 -1.95
N LYS A 124 5.76 -10.13 -2.86
CA LYS A 124 6.88 -9.76 -3.71
C LYS A 124 6.77 -8.31 -4.16
N SER A 125 5.69 -7.97 -4.85
CA SER A 125 5.47 -6.62 -5.31
C SER A 125 5.58 -5.64 -4.15
N ILE A 126 4.70 -5.81 -3.17
CA ILE A 126 4.65 -4.91 -2.04
C ILE A 126 6.07 -4.68 -1.54
N GLY A 127 6.84 -5.75 -1.46
CA GLY A 127 8.23 -5.59 -1.09
C GLY A 127 8.87 -4.48 -1.90
N GLU A 128 8.87 -4.65 -3.21
CA GLU A 128 9.54 -3.72 -4.09
C GLU A 128 9.28 -2.29 -3.66
N ALA A 129 8.00 -1.93 -3.62
CA ALA A 129 7.57 -0.57 -3.37
C ALA A 129 8.36 0.02 -2.20
N ILE A 130 8.31 -0.67 -1.08
CA ILE A 130 9.00 -0.25 0.11
C ILE A 130 10.47 -0.04 -0.19
N GLN A 131 11.07 -1.02 -0.87
CA GLN A 131 12.47 -0.94 -1.24
C GLN A 131 12.79 0.45 -1.76
N TYR A 132 12.33 0.70 -2.96
CA TYR A 132 12.47 1.99 -3.59
C TYR A 132 12.46 3.12 -2.56
N LEU A 133 11.37 3.25 -1.83
CA LEU A 133 11.21 4.34 -0.87
C LEU A 133 12.36 4.37 0.09
N HIS A 134 12.58 3.23 0.75
CA HIS A 134 13.71 3.12 1.62
C HIS A 134 14.93 3.49 0.80
N SER A 135 15.10 2.83 -0.34
CA SER A 135 16.29 3.06 -1.13
C SER A 135 16.43 4.53 -1.51
N ILE A 136 15.45 5.36 -1.17
CA ILE A 136 15.66 6.80 -1.32
C ILE A 136 15.35 7.53 -0.02
N ASN A 137 15.45 6.80 1.08
CA ASN A 137 15.30 7.41 2.41
C ASN A 137 13.87 7.75 2.80
N ILE A 138 12.92 6.92 2.40
CA ILE A 138 11.54 7.23 2.71
C ILE A 138 10.85 6.15 3.50
N ALA A 139 10.29 6.53 4.64
CA ALA A 139 9.53 5.59 5.44
C ALA A 139 8.07 5.89 5.20
N HIS A 140 7.30 4.88 4.79
CA HIS A 140 5.90 5.12 4.51
C HIS A 140 5.09 5.18 5.79
N ARG A 141 5.43 4.30 6.71
CA ARG A 141 4.84 4.31 8.04
C ARG A 141 3.34 4.07 8.03
N ASP A 142 2.84 3.41 6.99
CA ASP A 142 1.41 3.17 6.92
C ASP A 142 1.04 2.19 5.85
N VAL A 143 1.74 1.07 5.83
CA VAL A 143 1.57 0.11 4.78
C VAL A 143 0.38 -0.81 5.05
N LYS A 144 -0.76 -0.24 5.41
CA LYS A 144 -1.97 -1.03 5.70
C LYS A 144 -2.54 -1.70 4.45
N PRO A 145 -3.46 -2.67 4.63
CA PRO A 145 -3.94 -3.31 3.42
C PRO A 145 -5.04 -2.53 2.72
N GLU A 146 -5.48 -1.38 3.26
CA GLU A 146 -6.37 -0.50 2.51
C GLU A 146 -5.54 0.28 1.53
N ASN A 147 -4.35 0.65 1.96
CA ASN A 147 -3.48 1.49 1.13
C ASN A 147 -2.83 0.78 -0.04
N LEU A 148 -3.31 -0.43 -0.32
CA LEU A 148 -2.87 -1.14 -1.51
C LEU A 148 -4.08 -1.40 -2.39
N LEU A 149 -3.98 -1.01 -3.66
CA LEU A 149 -5.10 -1.08 -4.56
C LEU A 149 -4.58 -1.48 -5.92
N TYR A 150 -5.46 -2.07 -6.72
CA TYR A 150 -5.06 -2.46 -8.06
C TYR A 150 -5.50 -1.44 -9.09
N THR A 151 -4.75 -1.42 -10.17
CA THR A 151 -5.05 -0.52 -11.26
C THR A 151 -6.42 -0.82 -11.86
N SER A 152 -6.63 -2.06 -12.29
CA SER A 152 -7.92 -2.45 -12.86
C SER A 152 -8.45 -3.73 -12.22
N LYS A 153 -9.48 -4.31 -12.82
CA LYS A 153 -10.08 -5.51 -12.27
C LYS A 153 -9.67 -6.77 -12.99
N ARG A 154 -8.86 -6.62 -14.04
CA ARG A 154 -8.30 -7.79 -14.71
C ARG A 154 -7.22 -8.40 -13.84
N PRO A 155 -7.12 -9.74 -13.85
CA PRO A 155 -6.11 -10.44 -13.05
C PRO A 155 -4.70 -10.17 -13.55
N ASN A 156 -4.58 -9.59 -14.73
CA ASN A 156 -3.28 -9.09 -15.14
C ASN A 156 -2.94 -7.79 -14.42
N ALA A 157 -3.99 -7.01 -14.11
CA ALA A 157 -3.87 -5.78 -13.33
C ALA A 157 -2.84 -5.86 -12.19
N ILE A 158 -2.11 -4.77 -11.98
CA ILE A 158 -1.12 -4.69 -10.90
C ILE A 158 -1.62 -3.78 -9.78
N LEU A 159 -1.02 -3.93 -8.60
CA LEU A 159 -1.39 -3.08 -7.48
C LEU A 159 -0.27 -2.18 -7.00
N LYS A 160 -0.66 -1.07 -6.39
CA LYS A 160 0.27 -0.05 -6.00
C LYS A 160 -0.02 0.42 -4.59
N LEU A 161 0.90 1.20 -4.07
CA LEU A 161 0.82 1.63 -2.69
C LEU A 161 0.43 3.10 -2.63
N THR A 162 -0.42 3.44 -1.68
CA THR A 162 -0.95 4.79 -1.60
C THR A 162 -0.96 5.43 -0.21
N ASP A 163 -1.48 6.65 -0.15
CA ASP A 163 -1.61 7.44 1.08
C ASP A 163 -0.30 7.73 1.79
N PHE A 164 0.31 8.87 1.45
CA PHE A 164 1.56 9.27 2.07
C PHE A 164 1.32 10.23 3.20
N GLY A 165 0.18 10.11 3.86
CA GLY A 165 -0.12 11.04 4.92
C GLY A 165 0.85 10.82 6.06
N PHE A 166 1.63 9.76 5.98
CA PHE A 166 2.37 9.25 7.13
C PHE A 166 3.86 9.17 6.92
N ALA A 167 4.26 9.16 5.65
CA ALA A 167 5.66 9.01 5.29
C ALA A 167 6.50 10.11 5.86
N LYS A 168 7.80 9.83 5.98
CA LYS A 168 8.73 10.78 6.53
C LYS A 168 10.10 10.54 5.90
N GLU A 169 10.90 11.59 5.83
CA GLU A 169 12.20 11.47 5.21
C GLU A 169 13.22 10.97 6.23
N THR A 170 13.76 9.78 6.02
CA THR A 170 14.86 9.30 6.83
C THR A 170 16.14 9.99 6.37
N THR A 171 16.27 11.26 6.75
CA THR A 171 17.31 12.15 6.23
C THR A 171 18.53 12.18 7.13
N SER A 172 19.59 12.84 6.66
CA SER A 172 20.85 13.05 7.44
C SER A 172 21.29 11.84 8.29
N LYS A 195 13.30 1.60 17.64
CA LYS A 195 14.55 2.31 17.86
C LYS A 195 14.88 3.27 16.70
N TYR A 196 14.53 2.88 15.47
CA TYR A 196 14.67 3.75 14.29
C TYR A 196 13.32 4.03 13.63
N ASP A 197 13.20 3.81 12.32
CA ASP A 197 12.00 4.27 11.62
C ASP A 197 11.41 3.31 10.58
N LYS A 198 11.98 3.33 9.37
CA LYS A 198 11.45 2.54 8.27
C LYS A 198 11.53 1.06 8.55
N SER A 199 10.81 0.63 9.57
CA SER A 199 10.81 -0.77 9.94
C SER A 199 9.37 -1.16 10.05
N CYS A 200 8.55 -0.17 10.36
CA CYS A 200 7.12 -0.37 10.40
C CYS A 200 6.82 -0.98 9.06
N ASP A 201 7.35 -0.35 8.03
CA ASP A 201 7.09 -0.78 6.68
C ASP A 201 7.34 -2.30 6.56
N MET A 202 8.39 -2.78 7.20
CA MET A 202 8.63 -4.22 7.27
C MET A 202 7.54 -4.92 8.08
N TRP A 203 7.50 -4.61 9.37
CA TRP A 203 6.45 -5.15 10.23
C TRP A 203 5.20 -5.42 9.42
N SER A 204 4.72 -4.38 8.75
CA SER A 204 3.47 -4.42 8.01
C SER A 204 3.52 -5.59 7.06
N LEU A 205 4.49 -5.57 6.16
CA LEU A 205 4.67 -6.66 5.21
C LEU A 205 4.43 -7.97 5.95
N GLY A 206 5.08 -8.12 7.10
CA GLY A 206 4.91 -9.33 7.89
C GLY A 206 3.45 -9.54 8.15
N VAL A 207 2.87 -8.62 8.89
CA VAL A 207 1.44 -8.64 9.14
C VAL A 207 0.69 -9.00 7.86
N ILE A 208 0.99 -8.25 6.81
CA ILE A 208 0.36 -8.46 5.50
C ILE A 208 0.48 -9.90 5.00
N MET A 209 1.66 -10.48 5.13
CA MET A 209 1.88 -11.83 4.65
C MET A 209 0.99 -12.79 5.41
N TYR A 210 0.95 -12.60 6.73
CA TYR A 210 0.15 -13.46 7.58
C TYR A 210 -1.26 -13.50 7.05
N ILE A 211 -1.98 -12.40 7.24
CA ILE A 211 -3.34 -12.25 6.72
C ILE A 211 -3.46 -12.84 5.30
N LEU A 212 -2.44 -12.62 4.50
CA LEU A 212 -2.40 -13.12 3.13
C LEU A 212 -2.52 -14.64 3.08
N LEU A 213 -1.78 -15.32 3.94
CA LEU A 213 -1.76 -16.78 3.91
C LEU A 213 -2.95 -17.44 4.60
N CYS A 214 -3.36 -16.87 5.75
CA CYS A 214 -4.43 -17.42 6.58
C CYS A 214 -5.76 -16.66 6.45
N GLY A 215 -5.83 -15.52 7.13
CA GLY A 215 -7.02 -14.68 7.10
C GLY A 215 -7.16 -13.83 8.35
N TYR A 216 -6.09 -13.72 9.12
CA TYR A 216 -6.12 -12.97 10.38
C TYR A 216 -4.72 -12.51 10.76
N PRO A 217 -4.62 -11.67 11.80
CA PRO A 217 -3.34 -11.19 12.30
C PRO A 217 -3.00 -11.78 13.68
N PRO A 218 -2.08 -11.13 14.41
CA PRO A 218 -1.96 -11.26 15.86
C PRO A 218 -3.19 -10.74 16.59
N PHE A 219 -3.01 -10.32 17.85
CA PHE A 219 -4.14 -9.96 18.72
C PHE A 219 -3.76 -9.67 20.20
N TYR A 220 -3.17 -8.50 20.49
CA TYR A 220 -2.91 -8.02 21.88
C TYR A 220 -3.09 -6.49 21.98
N SER A 221 -2.01 -5.79 22.31
CA SER A 221 -2.03 -4.34 22.43
C SER A 221 -0.68 -3.75 21.96
N GLY A 238 5.20 -10.80 21.77
CA GLY A 238 3.82 -11.09 21.43
C GLY A 238 3.66 -12.40 20.69
N GLN A 239 2.69 -13.20 21.14
CA GLN A 239 2.48 -14.56 20.61
C GLN A 239 1.48 -14.66 19.45
N TYR A 240 1.94 -15.21 18.33
CA TYR A 240 1.07 -15.53 17.21
C TYR A 240 1.12 -17.03 16.88
N GLU A 241 0.02 -17.73 17.18
CA GLU A 241 -0.06 -19.17 16.93
C GLU A 241 -0.29 -19.48 15.44
N PHE A 242 -0.22 -20.75 15.07
CA PHE A 242 -0.33 -21.13 13.67
C PHE A 242 -1.27 -22.32 13.50
N PRO A 243 -2.59 -22.09 13.58
CA PRO A 243 -3.64 -23.13 13.54
C PRO A 243 -3.48 -24.23 12.48
N ASN A 244 -4.01 -25.41 12.82
CA ASN A 244 -4.00 -26.61 11.95
C ASN A 244 -4.69 -26.41 10.60
N PRO A 245 -5.98 -26.05 10.62
CA PRO A 245 -6.76 -26.01 9.39
C PRO A 245 -6.20 -25.03 8.36
N GLU A 246 -5.14 -24.33 8.74
CA GLU A 246 -4.54 -23.35 7.86
C GLU A 246 -3.05 -23.66 7.71
N TRP A 247 -2.30 -23.40 8.78
CA TRP A 247 -0.85 -23.65 8.79
C TRP A 247 -0.57 -25.14 8.88
N SER A 248 -0.05 -25.71 7.80
CA SER A 248 0.07 -27.15 7.70
C SER A 248 1.48 -27.55 7.29
N GLU A 249 1.62 -28.10 6.08
CA GLU A 249 2.94 -28.46 5.55
C GLU A 249 3.61 -27.23 4.92
N VAL A 250 3.04 -26.06 5.23
CA VAL A 250 3.54 -24.76 4.78
C VAL A 250 4.99 -24.51 5.25
N SER A 251 5.93 -24.87 4.38
CA SER A 251 7.35 -24.98 4.73
C SER A 251 7.85 -23.96 5.75
N GLU A 252 8.57 -24.45 6.77
CA GLU A 252 9.04 -23.61 7.85
C GLU A 252 9.87 -22.46 7.34
N GLU A 253 10.37 -22.61 6.13
CA GLU A 253 11.07 -21.53 5.45
C GLU A 253 10.19 -20.28 5.37
N VAL A 254 8.91 -20.49 5.08
CA VAL A 254 7.91 -19.40 5.02
C VAL A 254 7.61 -18.84 6.42
N LYS A 255 7.28 -19.75 7.34
CA LYS A 255 6.95 -19.36 8.71
C LYS A 255 8.13 -18.67 9.35
N MET A 256 9.32 -18.96 8.82
CA MET A 256 10.55 -18.28 9.21
C MET A 256 10.42 -16.80 8.90
N LEU A 257 10.27 -16.47 7.62
CA LEU A 257 10.05 -15.10 7.18
C LEU A 257 9.19 -14.36 8.17
N ILE A 258 7.91 -14.69 8.11
CA ILE A 258 6.95 -14.10 8.99
C ILE A 258 7.56 -13.81 10.36
N ARG A 259 8.31 -14.76 10.89
CA ARG A 259 9.01 -14.53 12.13
C ARG A 259 9.90 -13.29 12.07
N ASN A 260 11.00 -13.41 11.36
CA ASN A 260 11.97 -12.33 11.23
C ASN A 260 11.32 -10.97 11.06
N LEU A 261 10.19 -10.96 10.38
CA LEU A 261 9.51 -9.71 10.09
C LEU A 261 8.75 -9.19 11.29
N LEU A 262 8.13 -10.12 12.00
CA LEU A 262 7.24 -9.75 13.10
C LEU A 262 7.96 -9.49 14.42
N LYS A 263 9.26 -9.77 14.47
CA LYS A 263 10.04 -9.51 15.68
C LYS A 263 9.48 -8.27 16.36
N THR A 264 8.84 -8.44 17.51
CA THR A 264 8.23 -7.32 18.20
C THR A 264 9.33 -6.31 18.48
N GLU A 265 10.56 -6.69 18.12
CA GLU A 265 11.70 -5.77 18.16
C GLU A 265 11.62 -4.75 17.04
N PRO A 266 12.31 -3.62 17.19
CA PRO A 266 12.52 -2.82 16.00
C PRO A 266 13.77 -3.34 15.32
N THR A 267 14.73 -3.80 16.11
CA THR A 267 15.94 -4.38 15.56
C THR A 267 15.74 -5.86 15.23
N GLN A 268 16.66 -6.42 14.46
CA GLN A 268 16.51 -7.73 13.86
C GLN A 268 15.17 -7.94 13.11
N ARG A 269 14.38 -6.89 12.96
CA ARG A 269 13.31 -6.99 11.97
C ARG A 269 13.99 -6.93 10.63
N MET A 270 14.09 -8.10 10.00
CA MET A 270 14.66 -8.28 8.67
C MET A 270 14.53 -7.07 7.75
N THR A 271 15.65 -6.42 7.44
CA THR A 271 15.61 -5.27 6.53
C THR A 271 14.98 -5.69 5.21
N ILE A 272 14.44 -4.69 4.51
CA ILE A 272 13.82 -4.95 3.22
C ILE A 272 14.86 -5.51 2.26
N THR A 273 15.99 -4.81 2.16
CA THR A 273 17.08 -5.31 1.35
C THR A 273 17.18 -6.80 1.61
N GLU A 274 17.26 -7.13 2.90
CA GLU A 274 17.25 -8.51 3.32
C GLU A 274 16.00 -9.19 2.79
N PHE A 275 14.85 -8.70 3.22
CA PHE A 275 13.59 -9.31 2.86
C PHE A 275 13.54 -9.73 1.40
N MET A 276 14.04 -8.90 0.50
CA MET A 276 13.94 -9.17 -0.92
C MET A 276 14.79 -10.36 -1.27
N ASN A 277 16.02 -10.34 -0.78
CA ASN A 277 16.95 -11.44 -1.02
C ASN A 277 16.43 -12.82 -0.67
N HIS A 278 15.66 -12.93 0.41
CA HIS A 278 15.17 -14.24 0.78
C HIS A 278 14.41 -14.87 -0.37
N PRO A 279 14.78 -16.11 -0.72
CA PRO A 279 14.26 -16.91 -1.81
C PRO A 279 12.76 -16.69 -2.04
N TRP A 280 11.94 -17.28 -1.18
CA TRP A 280 10.50 -17.25 -1.38
C TRP A 280 10.06 -16.06 -2.22
N ILE A 281 10.44 -14.85 -1.78
CA ILE A 281 10.14 -13.61 -2.48
C ILE A 281 10.67 -13.61 -3.91
N MET A 282 11.99 -13.52 -4.04
CA MET A 282 12.61 -13.37 -5.35
C MET A 282 12.46 -14.62 -6.20
N GLN A 283 11.71 -15.61 -5.72
CA GLN A 283 11.40 -16.78 -6.55
C GLN A 283 10.28 -16.44 -7.51
N SER A 284 9.30 -15.70 -6.99
CA SER A 284 8.00 -15.53 -7.63
C SER A 284 7.47 -16.92 -8.04
N THR A 285 7.94 -17.43 -9.18
CA THR A 285 7.59 -18.80 -9.60
C THR A 285 8.72 -19.82 -9.33
N LYS A 286 8.75 -20.31 -8.11
CA LYS A 286 9.47 -21.52 -7.68
C LYS A 286 8.90 -21.89 -6.33
N VAL A 287 7.83 -21.19 -5.97
CA VAL A 287 7.11 -21.40 -4.72
C VAL A 287 6.13 -22.54 -4.94
N PRO A 288 5.95 -23.38 -3.92
CA PRO A 288 4.88 -24.38 -3.89
C PRO A 288 3.54 -23.82 -4.37
N GLN A 289 2.74 -24.68 -5.00
CA GLN A 289 1.46 -24.29 -5.59
C GLN A 289 0.32 -24.49 -4.59
N THR A 290 0.69 -24.64 -3.32
CA THR A 290 -0.25 -25.03 -2.28
C THR A 290 -1.58 -24.26 -2.30
N PRO A 291 -2.69 -24.98 -2.09
CA PRO A 291 -3.99 -24.32 -1.94
C PRO A 291 -4.00 -23.45 -0.69
N LEU A 292 -4.71 -22.32 -0.74
CA LEU A 292 -4.82 -21.44 0.41
C LEU A 292 -6.29 -21.15 0.69
N HIS A 293 -6.69 -21.30 1.95
CA HIS A 293 -8.08 -21.11 2.36
C HIS A 293 -8.46 -19.63 2.46
N THR A 294 -7.46 -18.77 2.43
CA THR A 294 -7.61 -17.34 2.69
C THR A 294 -8.87 -16.71 2.08
N SER A 295 -9.10 -16.95 0.80
CA SER A 295 -10.28 -16.41 0.14
C SER A 295 -11.50 -16.80 0.94
N ARG A 296 -11.74 -18.11 0.99
CA ARG A 296 -12.86 -18.67 1.75
C ARG A 296 -12.83 -18.15 3.17
N VAL A 297 -11.65 -18.18 3.78
CA VAL A 297 -11.47 -17.69 5.14
C VAL A 297 -12.05 -16.28 5.31
N LEU A 298 -11.78 -15.43 4.33
CA LEU A 298 -12.19 -14.03 4.38
C LEU A 298 -13.69 -13.93 4.31
N LYS A 299 -14.28 -14.79 3.48
CA LYS A 299 -15.72 -14.93 3.41
C LYS A 299 -16.19 -15.34 4.79
N GLU A 300 -15.50 -16.32 5.38
CA GLU A 300 -15.70 -16.64 6.78
C GLU A 300 -15.43 -15.35 7.51
N ASP A 301 -16.51 -14.81 8.09
CA ASP A 301 -16.51 -13.54 8.79
C ASP A 301 -15.88 -12.37 8.04
N LYS A 302 -16.68 -11.77 7.17
CA LYS A 302 -16.34 -10.52 6.51
C LYS A 302 -16.56 -9.40 7.53
N GLU A 303 -17.16 -9.73 8.66
CA GLU A 303 -17.37 -8.78 9.75
C GLU A 303 -16.13 -8.68 10.64
N ARG A 304 -15.41 -9.79 10.83
CA ARG A 304 -14.08 -9.76 11.42
C ARG A 304 -13.09 -9.18 10.42
N TRP A 305 -13.21 -7.89 10.12
CA TRP A 305 -12.38 -7.28 9.10
C TRP A 305 -12.21 -5.78 9.35
N GLU A 306 -13.31 -5.05 9.36
CA GLU A 306 -13.25 -3.66 9.77
C GLU A 306 -12.65 -3.62 11.19
N ASP A 307 -12.58 -4.80 11.80
CA ASP A 307 -11.78 -5.02 13.00
C ASP A 307 -10.31 -5.00 12.61
N VAL A 308 -9.91 -5.96 11.77
CA VAL A 308 -8.53 -6.12 11.31
C VAL A 308 -7.97 -4.78 10.86
N LYS A 309 -8.60 -4.21 9.84
CA LYS A 309 -8.18 -2.93 9.27
C LYS A 309 -7.95 -1.81 10.30
N GLU A 310 -8.83 -1.68 11.29
CA GLU A 310 -8.59 -0.71 12.36
C GLU A 310 -7.41 -1.14 13.24
N GLU A 311 -7.42 -2.40 13.63
CA GLU A 311 -6.30 -2.97 14.40
C GLU A 311 -4.96 -2.69 13.72
N MET A 312 -4.95 -2.75 12.39
CA MET A 312 -3.75 -2.39 11.61
C MET A 312 -3.39 -0.93 11.75
N THR A 313 -4.40 -0.05 11.77
CA THR A 313 -4.17 1.38 11.95
C THR A 313 -3.81 1.62 13.41
N SER A 314 -4.42 0.84 14.29
CA SER A 314 -4.08 0.85 15.71
C SER A 314 -2.60 0.53 15.85
N ALA A 315 -2.23 -0.69 15.50
CA ALA A 315 -0.85 -1.14 15.63
C ALA A 315 0.12 -0.09 15.12
N LEU A 316 -0.12 0.38 13.90
CA LEU A 316 0.72 1.40 13.27
C LEU A 316 0.43 2.78 13.83
N ALA A 317 0.32 3.75 12.93
CA ALA A 317 0.00 5.15 13.25
C ALA A 317 0.73 5.65 14.49
N THR A 318 0.35 5.08 15.64
CA THR A 318 1.03 5.38 16.89
C THR A 318 2.43 4.76 16.96
N MET A 319 2.57 3.50 16.52
CA MET A 319 3.84 2.76 16.58
C MET A 319 5.06 3.66 16.39
N ARG A 320 5.40 4.41 17.44
CA ARG A 320 6.42 5.46 17.38
C ARG A 320 6.14 6.45 16.25
C4 B98 B . -6.13 6.58 -6.44
C5 B98 B . -5.23 7.15 -5.57
C19 B98 B . -7.60 5.98 -4.62
C18 B98 B . -6.70 6.54 -3.72
C17 B98 B . -6.77 6.64 -2.30
C3 B98 B . -7.28 6.02 -5.97
C6 B98 B . -5.55 7.10 -4.24
C8 B98 B . -5.69 7.26 -1.74
C9 B98 B . -5.29 7.60 -0.39
C15 B98 B . -8.00 6.42 -0.18
C12 B98 B . -6.83 5.92 0.65
C1 B98 B . -9.21 4.90 -6.22
C13 B98 B . -6.40 4.51 0.34
N16 B98 B . -7.82 6.14 -1.60
N11 B98 B . -5.69 6.79 0.65
N14 B98 B . -7.56 3.66 0.69
O10 B98 B . -4.61 8.60 -0.17
O2 B98 B . -8.11 5.48 -6.92
S7 B98 B . -4.60 7.73 -2.97
#